data_1PN9
#
_entry.id   1PN9
#
_cell.length_a   50.200
_cell.length_b   89.400
_cell.length_c   100.000
_cell.angle_alpha   90.00
_cell.angle_beta   90.00
_cell.angle_gamma   90.00
#
_symmetry.space_group_name_H-M   'P 21 21 21'
#
loop_
_entity.id
_entity.type
_entity.pdbx_description
1 polymer 'Glutathione S-transferase 1-6'
2 non-polymer S-HEXYLGLUTATHIONE
3 water water
#
_entity_poly.entity_id   1
_entity_poly.type   'polypeptide(L)'
_entity_poly.pdbx_seq_one_letter_code
;MDFYYLPGSAPCRAVQMTAAAVGVELNLKLTDLMKGEHMKPEFLKLNPQHCIPTLVDNGFALWESRAIQIYLAEKYGKDD
KLYPKDPQKRAVVNQRLYFDMGTLYQRFADYHYPQIFAKQPANPENEKKMKDAVGFLNTFLEGQEYAAGNDLTIADLSLA
ATIATYEVAGFDFAPYPNVAAWFARCKANAPGYALNQAGADEFKAKFLS
;
_entity_poly.pdbx_strand_id   A,B
#
loop_
_chem_comp.id
_chem_comp.type
_chem_comp.name
_chem_comp.formula
GTX non-polymer S-HEXYLGLUTATHIONE 'C16 H30 N3 O6 S 1'
#
# COMPACT_ATOMS: atom_id res chain seq x y z
N MET A 1 -24.27 3.26 5.88
CA MET A 1 -22.85 2.82 5.94
C MET A 1 -22.13 3.36 7.16
N ASP A 2 -21.80 2.46 8.09
CA ASP A 2 -21.10 2.87 9.31
C ASP A 2 -19.63 3.20 9.01
N PHE A 3 -19.17 4.34 9.51
CA PHE A 3 -17.78 4.76 9.29
C PHE A 3 -17.05 4.99 10.62
N TYR A 4 -16.24 4.01 11.03
CA TYR A 4 -15.47 4.13 12.27
C TYR A 4 -14.21 4.92 11.95
N TYR A 5 -14.02 6.04 12.65
CA TYR A 5 -12.88 6.90 12.33
C TYR A 5 -12.55 7.94 13.40
N LEU A 6 -11.67 8.84 13.02
CA LEU A 6 -11.25 9.98 13.83
C LEU A 6 -10.81 11.05 12.84
N PRO A 7 -11.31 12.28 12.97
CA PRO A 7 -10.91 13.31 12.02
C PRO A 7 -9.40 13.52 11.94
N GLY A 8 -8.69 13.25 13.05
CA GLY A 8 -7.25 13.42 13.05
C GLY A 8 -6.49 12.45 12.17
N SER A 9 -7.11 11.32 11.83
CA SER A 9 -6.48 10.29 11.01
C SER A 9 -6.51 10.57 9.51
N ALA A 10 -5.32 10.69 8.91
CA ALA A 10 -5.23 10.94 7.47
C ALA A 10 -6.00 9.93 6.65
N PRO A 11 -5.73 8.62 6.84
CA PRO A 11 -6.49 7.65 6.03
C PRO A 11 -8.00 7.83 6.18
N CYS A 12 -8.44 8.16 7.38
CA CYS A 12 -9.86 8.39 7.62
C CYS A 12 -10.35 9.57 6.79
N ARG A 13 -9.56 10.65 6.76
CA ARG A 13 -9.93 11.84 6.00
C ARG A 13 -9.95 11.61 4.48
N ALA A 14 -9.08 10.73 4.00
CA ALA A 14 -9.03 10.42 2.57
C ALA A 14 -10.40 9.87 2.18
N VAL A 15 -10.89 8.97 3.02
CA VAL A 15 -12.18 8.33 2.79
C VAL A 15 -13.31 9.36 2.86
N GLN A 16 -13.24 10.26 3.83
CA GLN A 16 -14.27 11.29 3.95
C GLN A 16 -14.41 12.11 2.68
N MET A 17 -13.28 12.49 2.09
CA MET A 17 -13.32 13.27 0.85
C MET A 17 -13.86 12.40 -0.29
N THR A 18 -13.39 11.16 -0.36
CA THR A 18 -13.84 10.24 -1.41
C THR A 18 -15.36 10.03 -1.33
N ALA A 19 -15.87 9.85 -0.11
CA ALA A 19 -17.31 9.65 0.08
C ALA A 19 -18.08 10.88 -0.39
N ALA A 20 -17.50 12.05 -0.17
CA ALA A 20 -18.14 13.30 -0.59
C ALA A 20 -18.15 13.36 -2.11
N ALA A 21 -17.02 12.97 -2.71
CA ALA A 21 -16.85 12.97 -4.15
C ALA A 21 -17.89 12.13 -4.88
N VAL A 22 -18.29 11.03 -4.26
CA VAL A 22 -19.30 10.16 -4.87
C VAL A 22 -20.69 10.39 -4.28
N GLY A 23 -20.81 11.42 -3.44
CA GLY A 23 -22.10 11.74 -2.85
C GLY A 23 -22.66 10.69 -1.90
N VAL A 24 -21.79 9.97 -1.20
CA VAL A 24 -22.24 8.95 -0.26
C VAL A 24 -22.26 9.51 1.16
N GLU A 25 -23.34 9.23 1.88
CA GLU A 25 -23.48 9.70 3.25
C GLU A 25 -22.93 8.66 4.23
N LEU A 26 -22.07 9.11 5.13
CA LEU A 26 -21.46 8.21 6.09
C LEU A 26 -21.98 8.37 7.52
N ASN A 27 -22.33 7.24 8.14
CA ASN A 27 -22.80 7.26 9.51
C ASN A 27 -21.54 7.34 10.38
N LEU A 28 -21.17 8.55 10.77
CA LEU A 28 -19.97 8.77 11.56
C LEU A 28 -19.95 8.12 12.95
N LYS A 29 -18.98 7.24 13.16
CA LYS A 29 -18.83 6.58 14.44
C LYS A 29 -17.44 6.83 15.01
N LEU A 30 -17.33 7.89 15.81
CA LEU A 30 -16.08 8.27 16.45
C LEU A 30 -15.50 7.06 17.17
N THR A 31 -14.22 6.79 16.91
CA THR A 31 -13.54 5.65 17.53
C THR A 31 -12.20 6.12 18.10
N ASP A 32 -12.22 6.56 19.35
CA ASP A 32 -11.02 7.07 19.99
C ASP A 32 -10.00 5.97 20.30
N LEU A 33 -8.95 5.91 19.51
CA LEU A 33 -7.90 4.92 19.72
C LEU A 33 -7.20 5.20 21.04
N MET A 34 -7.18 6.46 21.43
CA MET A 34 -6.52 6.87 22.68
C MET A 34 -7.27 6.40 23.92
N LYS A 35 -8.46 5.87 23.71
CA LYS A 35 -9.28 5.35 24.79
C LYS A 35 -9.49 3.85 24.54
N GLY A 36 -8.73 3.32 23.59
CA GLY A 36 -8.82 1.91 23.25
C GLY A 36 -10.14 1.43 22.67
N GLU A 37 -10.93 2.34 22.12
CA GLU A 37 -12.22 1.95 21.55
C GLU A 37 -12.09 0.99 20.38
N HIS A 38 -10.95 1.00 19.69
CA HIS A 38 -10.74 0.10 18.57
C HIS A 38 -10.48 -1.32 19.06
N MET A 39 -10.33 -1.48 20.38
CA MET A 39 -10.07 -2.80 20.94
C MET A 39 -11.31 -3.40 21.60
N LYS A 40 -12.47 -2.76 21.46
CA LYS A 40 -13.68 -3.29 22.06
C LYS A 40 -14.08 -4.55 21.29
N PRO A 41 -14.56 -5.58 22.02
CA PRO A 41 -14.98 -6.84 21.41
C PRO A 41 -15.80 -6.66 20.15
N GLU A 42 -16.71 -5.68 20.20
CA GLU A 42 -17.61 -5.37 19.09
C GLU A 42 -16.86 -4.96 17.83
N PHE A 43 -15.85 -4.11 17.98
CA PHE A 43 -15.08 -3.64 16.84
C PHE A 43 -14.19 -4.76 16.30
N LEU A 44 -13.58 -5.51 17.21
CA LEU A 44 -12.71 -6.62 16.83
C LEU A 44 -13.46 -7.65 15.99
N LYS A 45 -14.75 -7.80 16.24
CA LYS A 45 -15.54 -8.78 15.49
C LYS A 45 -15.75 -8.28 14.06
N LEU A 46 -15.80 -6.97 13.88
CA LEU A 46 -15.97 -6.38 12.56
C LEU A 46 -14.60 -6.31 11.86
N ASN A 47 -13.58 -5.99 12.64
CA ASN A 47 -12.22 -5.87 12.10
C ASN A 47 -11.19 -6.43 13.06
N PRO A 48 -10.71 -7.66 12.80
CA PRO A 48 -9.71 -8.29 13.67
C PRO A 48 -8.37 -7.55 13.70
N GLN A 49 -8.16 -6.64 12.74
CA GLN A 49 -6.91 -5.88 12.71
C GLN A 49 -7.07 -4.61 13.51
N HIS A 50 -8.26 -4.44 14.09
CA HIS A 50 -8.59 -3.28 14.91
C HIS A 50 -7.96 -1.96 14.48
N CYS A 51 -8.32 -1.50 13.29
CA CYS A 51 -7.77 -0.23 12.81
C CYS A 51 -8.81 0.61 12.08
N ILE A 52 -8.58 1.92 12.07
CA ILE A 52 -9.45 2.87 11.41
C ILE A 52 -8.68 3.48 10.25
N PRO A 53 -9.39 3.88 9.18
CA PRO A 53 -10.84 3.78 9.06
C PRO A 53 -11.37 2.38 8.75
N THR A 54 -12.58 2.10 9.21
CA THR A 54 -13.26 0.84 8.94
C THR A 54 -14.67 1.18 8.48
N LEU A 55 -15.08 0.65 7.34
CA LEU A 55 -16.40 0.93 6.79
C LEU A 55 -17.27 -0.32 6.80
N VAL A 56 -18.53 -0.16 7.19
CA VAL A 56 -19.48 -1.27 7.19
C VAL A 56 -20.68 -0.88 6.32
N ASP A 57 -20.68 -1.41 5.09
CA ASP A 57 -21.75 -1.13 4.13
C ASP A 57 -22.70 -2.32 4.05
N ASN A 58 -23.81 -2.20 4.78
CA ASN A 58 -24.84 -3.23 4.83
C ASN A 58 -24.28 -4.60 5.17
N GLY A 59 -23.58 -4.69 6.30
CA GLY A 59 -23.01 -5.96 6.70
C GLY A 59 -21.60 -6.23 6.19
N PHE A 60 -21.21 -5.57 5.10
CA PHE A 60 -19.86 -5.78 4.55
C PHE A 60 -18.85 -4.87 5.25
N ALA A 61 -17.93 -5.47 6.01
CA ALA A 61 -16.92 -4.71 6.74
C ALA A 61 -15.64 -4.60 5.91
N LEU A 62 -15.12 -3.39 5.79
CA LEU A 62 -13.91 -3.17 4.99
C LEU A 62 -12.95 -2.16 5.59
N TRP A 63 -11.66 -2.51 5.62
CA TRP A 63 -10.67 -1.57 6.11
C TRP A 63 -9.55 -1.40 5.09
N GLU A 64 -8.58 -0.53 5.40
CA GLU A 64 -7.50 -0.14 4.50
C GLU A 64 -8.16 0.98 3.67
N SER A 65 -7.91 2.21 4.09
CA SER A 65 -8.48 3.40 3.47
C SER A 65 -8.52 3.44 1.95
N ARG A 66 -7.45 3.03 1.30
CA ARG A 66 -7.42 3.08 -0.15
C ARG A 66 -8.28 2.01 -0.82
N ALA A 67 -8.50 0.90 -0.12
CA ALA A 67 -9.36 -0.15 -0.66
C ALA A 67 -10.78 0.38 -0.53
N ILE A 68 -11.05 1.08 0.57
CA ILE A 68 -12.36 1.68 0.81
C ILE A 68 -12.61 2.76 -0.23
N GLN A 69 -11.58 3.53 -0.53
CA GLN A 69 -11.68 4.59 -1.52
C GLN A 69 -12.09 4.03 -2.87
N ILE A 70 -11.41 2.96 -3.29
CA ILE A 70 -11.69 2.31 -4.56
C ILE A 70 -13.10 1.72 -4.58
N TYR A 71 -13.47 1.06 -3.49
CA TYR A 71 -14.80 0.46 -3.36
C TYR A 71 -15.89 1.50 -3.58
N LEU A 72 -15.74 2.66 -2.95
CA LEU A 72 -16.71 3.74 -3.08
C LEU A 72 -16.79 4.25 -4.52
N ALA A 73 -15.64 4.49 -5.12
CA ALA A 73 -15.58 4.98 -6.49
C ALA A 73 -16.23 4.01 -7.46
N GLU A 74 -15.88 2.74 -7.35
CA GLU A 74 -16.41 1.70 -8.25
C GLU A 74 -17.88 1.36 -8.01
N LYS A 75 -18.30 1.35 -6.76
CA LYS A 75 -19.68 0.99 -6.46
C LYS A 75 -20.69 2.12 -6.48
N TYR A 76 -20.27 3.29 -6.05
CA TYR A 76 -21.18 4.44 -5.99
C TYR A 76 -20.75 5.57 -6.93
N GLY A 77 -19.58 5.45 -7.52
CA GLY A 77 -19.09 6.48 -8.41
C GLY A 77 -19.80 6.45 -9.75
N LYS A 78 -20.38 7.59 -10.13
CA LYS A 78 -21.08 7.70 -11.40
C LYS A 78 -20.18 8.32 -12.47
N ASP A 79 -19.14 9.00 -12.03
CA ASP A 79 -18.20 9.64 -12.95
C ASP A 79 -16.90 8.85 -12.99
N ASP A 80 -16.51 8.42 -14.19
CA ASP A 80 -15.30 7.62 -14.39
C ASP A 80 -13.99 8.36 -14.12
N LYS A 81 -14.02 9.68 -14.13
CA LYS A 81 -12.81 10.47 -13.91
C LYS A 81 -12.16 10.31 -12.54
N LEU A 82 -12.94 9.93 -11.53
CA LEU A 82 -12.38 9.75 -10.19
C LEU A 82 -11.43 8.57 -10.14
N TYR A 83 -11.82 7.49 -10.81
CA TYR A 83 -11.05 6.26 -10.87
C TYR A 83 -11.29 5.64 -12.25
N PRO A 84 -10.61 6.17 -13.29
CA PRO A 84 -10.75 5.70 -14.67
C PRO A 84 -10.52 4.22 -14.93
N LYS A 85 -11.41 3.63 -15.73
CA LYS A 85 -11.35 2.21 -16.06
C LYS A 85 -10.22 1.84 -17.00
N ASP A 86 -9.75 2.80 -17.78
CA ASP A 86 -8.64 2.53 -18.69
C ASP A 86 -7.51 1.94 -17.84
N PRO A 87 -7.04 0.72 -18.18
CA PRO A 87 -5.97 0.08 -17.41
C PRO A 87 -4.73 0.95 -17.17
N GLN A 88 -4.24 1.62 -18.21
CA GLN A 88 -3.08 2.47 -18.06
C GLN A 88 -3.37 3.62 -17.10
N LYS A 89 -4.46 4.35 -17.33
CA LYS A 89 -4.79 5.46 -16.45
C LYS A 89 -4.98 4.95 -15.02
N ARG A 90 -5.74 3.88 -14.85
CA ARG A 90 -5.98 3.32 -13.53
C ARG A 90 -4.68 2.85 -12.86
N ALA A 91 -3.74 2.39 -13.67
CA ALA A 91 -2.47 1.91 -13.15
C ALA A 91 -1.67 3.03 -12.52
N VAL A 92 -1.75 4.23 -13.10
CA VAL A 92 -1.02 5.35 -12.53
C VAL A 92 -1.70 5.78 -11.23
N VAL A 93 -3.03 5.70 -11.19
CA VAL A 93 -3.75 6.07 -9.98
C VAL A 93 -3.42 5.05 -8.88
N ASN A 94 -3.34 3.77 -9.24
CA ASN A 94 -3.01 2.75 -8.24
C ASN A 94 -1.57 2.91 -7.75
N GLN A 95 -0.65 3.24 -8.64
CA GLN A 95 0.73 3.43 -8.24
C GLN A 95 0.81 4.62 -7.27
N ARG A 96 0.07 5.67 -7.57
CA ARG A 96 0.04 6.87 -6.74
C ARG A 96 -0.53 6.54 -5.36
N LEU A 97 -1.58 5.72 -5.32
CA LEU A 97 -2.18 5.31 -4.06
C LEU A 97 -1.20 4.50 -3.22
N TYR A 98 -0.49 3.56 -3.84
CA TYR A 98 0.48 2.74 -3.11
C TYR A 98 1.64 3.62 -2.67
N PHE A 99 1.98 4.60 -3.50
CA PHE A 99 3.06 5.53 -3.17
C PHE A 99 2.67 6.31 -1.91
N ASP A 100 1.40 6.70 -1.84
CA ASP A 100 0.94 7.46 -0.68
C ASP A 100 1.05 6.66 0.60
N MET A 101 0.63 5.41 0.57
CA MET A 101 0.72 4.59 1.77
C MET A 101 2.13 4.15 2.14
N GLY A 102 2.79 3.48 1.21
CA GLY A 102 4.13 2.96 1.46
C GLY A 102 5.31 3.91 1.48
N THR A 103 5.14 5.13 0.95
CA THR A 103 6.26 6.07 0.92
C THR A 103 5.97 7.41 1.60
N LEU A 104 5.00 8.15 1.07
CA LEU A 104 4.66 9.47 1.62
C LEU A 104 4.16 9.43 3.06
N TYR A 105 3.03 8.76 3.29
CA TYR A 105 2.50 8.69 4.65
C TYR A 105 3.43 7.89 5.57
N GLN A 106 3.90 6.75 5.10
CA GLN A 106 4.76 5.89 5.90
C GLN A 106 5.98 6.63 6.45
N ARG A 107 6.65 7.40 5.60
CA ARG A 107 7.83 8.14 6.04
C ARG A 107 7.45 9.25 6.99
N PHE A 108 6.26 9.80 6.79
CA PHE A 108 5.76 10.86 7.66
C PHE A 108 5.62 10.24 9.04
N ALA A 109 4.86 9.15 9.09
CA ALA A 109 4.60 8.42 10.33
C ALA A 109 5.91 8.04 11.02
N ASP A 110 6.78 7.36 10.28
CA ASP A 110 8.06 6.94 10.84
C ASP A 110 8.83 8.07 11.49
N TYR A 111 8.79 9.26 10.89
CA TYR A 111 9.51 10.40 11.44
C TYR A 111 8.81 11.12 12.58
N HIS A 112 7.49 11.28 12.47
CA HIS A 112 6.74 12.01 13.48
C HIS A 112 6.10 11.26 14.63
N TYR A 113 5.40 10.16 14.35
CA TYR A 113 4.73 9.43 15.42
C TYR A 113 5.60 9.04 16.61
N PRO A 114 6.89 8.77 16.38
CA PRO A 114 7.73 8.41 17.53
C PRO A 114 7.91 9.61 18.47
N GLN A 115 7.96 10.81 17.89
CA GLN A 115 8.14 12.04 18.65
C GLN A 115 6.85 12.44 19.33
N ILE A 116 5.76 12.39 18.57
CA ILE A 116 4.43 12.76 19.06
C ILE A 116 3.88 11.85 20.15
N PHE A 117 3.99 10.54 19.93
CA PHE A 117 3.46 9.57 20.89
C PHE A 117 4.45 9.04 21.91
N ALA A 118 5.67 8.73 21.47
CA ALA A 118 6.67 8.20 22.38
C ALA A 118 7.59 9.29 22.94
N LYS A 119 7.42 10.52 22.48
CA LYS A 119 8.25 11.63 22.95
C LYS A 119 9.74 11.31 22.76
N GLN A 120 10.07 10.64 21.67
CA GLN A 120 11.46 10.27 21.40
C GLN A 120 12.17 11.34 20.57
N PRO A 121 13.50 11.36 20.61
CA PRO A 121 14.30 12.34 19.86
C PRO A 121 14.16 12.19 18.35
N ALA A 122 14.00 13.31 17.66
CA ALA A 122 13.85 13.30 16.21
C ALA A 122 15.00 12.57 15.53
N ASN A 123 14.68 11.83 14.47
CA ASN A 123 15.69 11.10 13.71
C ASN A 123 16.00 11.87 12.44
N PRO A 124 17.26 12.34 12.30
CA PRO A 124 17.68 13.10 11.12
C PRO A 124 17.59 12.29 9.83
N GLU A 125 17.98 11.03 9.90
CA GLU A 125 17.96 10.13 8.75
C GLU A 125 16.55 9.96 8.20
N ASN A 126 15.58 9.83 9.10
CA ASN A 126 14.20 9.66 8.66
C ASN A 126 13.62 10.97 8.16
N GLU A 127 14.12 12.09 8.68
CA GLU A 127 13.64 13.39 8.23
C GLU A 127 14.03 13.59 6.77
N LYS A 128 15.26 13.18 6.44
CA LYS A 128 15.76 13.31 5.07
C LYS A 128 14.93 12.42 4.15
N LYS A 129 14.58 11.23 4.62
CA LYS A 129 13.77 10.31 3.85
C LYS A 129 12.38 10.90 3.59
N MET A 130 11.81 11.52 4.61
CA MET A 130 10.50 12.15 4.49
C MET A 130 10.59 13.24 3.42
N LYS A 131 11.65 14.03 3.47
CA LYS A 131 11.84 15.10 2.48
C LYS A 131 11.93 14.50 1.08
N ASP A 132 12.66 13.40 0.94
CA ASP A 132 12.81 12.78 -0.37
C ASP A 132 11.46 12.31 -0.89
N ALA A 133 10.58 11.89 0.02
CA ALA A 133 9.25 11.42 -0.35
C ALA A 133 8.49 12.57 -1.02
N VAL A 134 8.52 13.75 -0.39
CA VAL A 134 7.86 14.91 -0.94
C VAL A 134 8.48 15.25 -2.29
N GLY A 135 9.79 15.07 -2.40
CA GLY A 135 10.49 15.35 -3.64
C GLY A 135 10.02 14.46 -4.78
N PHE A 136 9.77 13.19 -4.48
CA PHE A 136 9.29 12.25 -5.50
C PHE A 136 7.95 12.74 -6.00
N LEU A 137 7.09 13.18 -5.09
CA LEU A 137 5.78 13.68 -5.46
C LEU A 137 5.91 14.94 -6.32
N ASN A 138 6.85 15.79 -5.96
CA ASN A 138 7.06 17.03 -6.71
C ASN A 138 7.37 16.69 -8.16
N THR A 139 8.16 15.63 -8.35
CA THR A 139 8.53 15.19 -9.69
C THR A 139 7.37 14.58 -10.47
N PHE A 140 6.55 13.77 -9.81
CA PHE A 140 5.40 13.15 -10.49
C PHE A 140 4.48 14.23 -11.05
N LEU A 141 4.34 15.32 -10.31
CA LEU A 141 3.46 16.43 -10.67
C LEU A 141 3.97 17.32 -11.79
N GLU A 142 5.24 17.17 -12.16
CA GLU A 142 5.81 18.02 -13.20
C GLU A 142 4.96 18.00 -14.48
N GLY A 143 4.49 19.17 -14.87
CA GLY A 143 3.70 19.30 -16.08
C GLY A 143 2.28 18.73 -16.02
N GLN A 144 1.82 18.43 -14.81
CA GLN A 144 0.48 17.88 -14.62
C GLN A 144 -0.31 18.71 -13.64
N GLU A 145 -1.63 18.56 -13.70
CA GLU A 145 -2.50 19.29 -12.81
C GLU A 145 -2.64 18.48 -11.53
N TYR A 146 -2.90 17.18 -11.69
CA TYR A 146 -3.08 16.30 -10.55
C TYR A 146 -2.07 15.14 -10.53
N ALA A 147 -2.04 14.42 -9.43
CA ALA A 147 -1.10 13.31 -9.24
C ALA A 147 -1.02 12.27 -10.35
N ALA A 148 -2.16 11.85 -10.87
CA ALA A 148 -2.18 10.82 -11.90
C ALA A 148 -2.55 11.32 -13.30
N GLY A 149 -2.60 12.63 -13.47
CA GLY A 149 -2.96 13.21 -14.75
C GLY A 149 -3.55 14.59 -14.57
N ASN A 150 -4.50 14.96 -15.41
CA ASN A 150 -5.11 16.27 -15.30
C ASN A 150 -6.49 16.28 -14.67
N ASP A 151 -7.00 15.10 -14.30
CA ASP A 151 -8.29 14.99 -13.64
C ASP A 151 -8.03 14.69 -12.17
N LEU A 152 -8.89 15.21 -11.29
CA LEU A 152 -8.78 14.94 -9.86
C LEU A 152 -9.25 13.51 -9.63
N THR A 153 -8.41 12.69 -8.98
CA THR A 153 -8.79 11.29 -8.73
C THR A 153 -8.65 10.95 -7.26
N ILE A 154 -9.06 9.74 -6.89
CA ILE A 154 -8.98 9.29 -5.51
C ILE A 154 -7.53 9.35 -5.02
N ALA A 155 -6.59 9.25 -5.94
CA ALA A 155 -5.17 9.31 -5.56
C ALA A 155 -4.89 10.68 -4.96
N ASP A 156 -5.44 11.72 -5.58
CA ASP A 156 -5.26 13.08 -5.10
C ASP A 156 -5.88 13.25 -3.73
N LEU A 157 -7.02 12.59 -3.51
CA LEU A 157 -7.70 12.69 -2.24
C LEU A 157 -6.87 12.02 -1.14
N SER A 158 -6.24 10.90 -1.48
CA SER A 158 -5.42 10.21 -0.50
C SER A 158 -4.19 11.05 -0.21
N LEU A 159 -3.54 11.51 -1.28
CA LEU A 159 -2.34 12.33 -1.16
C LEU A 159 -2.60 13.64 -0.42
N ALA A 160 -3.80 14.20 -0.58
CA ALA A 160 -4.16 15.44 0.08
C ALA A 160 -4.32 15.23 1.58
N ALA A 161 -4.94 14.12 1.94
CA ALA A 161 -5.14 13.78 3.34
C ALA A 161 -3.79 13.70 4.03
N THR A 162 -2.81 13.13 3.35
CA THR A 162 -1.45 12.98 3.88
C THR A 162 -0.70 14.30 3.99
N ILE A 163 -0.66 15.04 2.88
CA ILE A 163 0.05 16.33 2.82
C ILE A 163 -0.48 17.36 3.83
N ALA A 164 -1.80 17.37 4.05
CA ALA A 164 -2.38 18.30 5.00
C ALA A 164 -1.84 17.99 6.39
N THR A 165 -1.55 16.71 6.64
CA THR A 165 -1.00 16.30 7.93
C THR A 165 0.43 16.79 7.98
N TYR A 166 1.09 16.75 6.82
CA TYR A 166 2.48 17.21 6.69
C TYR A 166 2.51 18.70 7.03
N GLU A 167 1.66 19.45 6.34
CA GLU A 167 1.58 20.90 6.53
C GLU A 167 1.46 21.27 8.00
N VAL A 168 0.45 20.72 8.66
CA VAL A 168 0.21 20.98 10.06
C VAL A 168 1.39 20.59 10.93
N ALA A 169 2.12 19.54 10.53
CA ALA A 169 3.27 19.09 11.30
C ALA A 169 4.40 20.09 11.15
N GLY A 170 4.25 21.02 10.21
CA GLY A 170 5.27 22.04 9.99
C GLY A 170 6.26 21.79 8.87
N PHE A 171 5.86 21.02 7.86
CA PHE A 171 6.76 20.75 6.74
C PHE A 171 6.90 21.97 5.85
N ASP A 172 8.12 22.27 5.43
CA ASP A 172 8.37 23.41 4.56
C ASP A 172 8.31 22.99 3.10
N PHE A 173 7.20 23.28 2.44
CA PHE A 173 6.99 22.92 1.05
C PHE A 173 7.64 23.85 0.02
N ALA A 174 8.38 24.85 0.51
CA ALA A 174 9.03 25.81 -0.39
C ALA A 174 9.90 25.17 -1.46
N PRO A 175 10.70 24.15 -1.10
CA PRO A 175 11.56 23.51 -2.11
C PRO A 175 10.80 22.66 -3.12
N TYR A 176 9.46 22.67 -3.04
CA TYR A 176 8.66 21.88 -3.96
C TYR A 176 7.46 22.64 -4.52
N PRO A 177 7.72 23.54 -5.49
CA PRO A 177 6.66 24.34 -6.12
C PRO A 177 5.51 23.54 -6.73
N ASN A 178 5.80 22.39 -7.33
CA ASN A 178 4.73 21.60 -7.92
C ASN A 178 3.78 21.09 -6.84
N VAL A 179 4.36 20.67 -5.71
CA VAL A 179 3.54 20.18 -4.61
C VAL A 179 2.69 21.32 -4.06
N ALA A 180 3.33 22.45 -3.81
CA ALA A 180 2.60 23.61 -3.29
C ALA A 180 1.45 23.99 -4.21
N ALA A 181 1.73 24.03 -5.51
CA ALA A 181 0.72 24.38 -6.49
C ALA A 181 -0.44 23.38 -6.52
N TRP A 182 -0.11 22.11 -6.48
CA TRP A 182 -1.12 21.05 -6.51
C TRP A 182 -1.93 21.01 -5.21
N PHE A 183 -1.25 21.22 -4.08
CA PHE A 183 -1.92 21.20 -2.80
C PHE A 183 -2.99 22.30 -2.74
N ALA A 184 -2.64 23.49 -3.22
CA ALA A 184 -3.60 24.59 -3.23
C ALA A 184 -4.79 24.21 -4.11
N ARG A 185 -4.51 23.58 -5.24
CA ARG A 185 -5.55 23.16 -6.17
C ARG A 185 -6.55 22.23 -5.49
N CYS A 186 -6.05 21.26 -4.74
CA CYS A 186 -6.90 20.32 -4.03
C CYS A 186 -7.82 21.02 -3.03
N LYS A 187 -7.27 21.96 -2.27
CA LYS A 187 -8.09 22.68 -1.30
C LYS A 187 -9.30 23.32 -1.98
N ALA A 188 -9.09 23.88 -3.16
CA ALA A 188 -10.18 24.54 -3.88
C ALA A 188 -11.11 23.62 -4.65
N ASN A 189 -10.59 22.48 -5.12
CA ASN A 189 -11.40 21.57 -5.93
C ASN A 189 -11.78 20.22 -5.33
N ALA A 190 -11.01 19.76 -4.36
CA ALA A 190 -11.28 18.46 -3.76
C ALA A 190 -12.58 18.43 -2.98
N PRO A 191 -13.49 17.52 -3.37
CA PRO A 191 -14.78 17.40 -2.68
C PRO A 191 -14.54 17.13 -1.20
N GLY A 192 -15.35 17.77 -0.36
CA GLY A 192 -15.25 17.59 1.08
C GLY A 192 -13.94 17.94 1.73
N TYR A 193 -13.16 18.82 1.11
CA TYR A 193 -11.87 19.19 1.67
C TYR A 193 -12.02 19.79 3.06
N ALA A 194 -13.16 20.42 3.32
CA ALA A 194 -13.42 21.04 4.61
C ALA A 194 -13.13 20.04 5.72
N LEU A 195 -13.58 18.80 5.50
CA LEU A 195 -13.38 17.74 6.47
C LEU A 195 -11.91 17.40 6.64
N ASN A 196 -11.14 17.48 5.55
CA ASN A 196 -9.71 17.19 5.62
C ASN A 196 -9.03 18.30 6.42
N GLN A 197 -9.41 19.54 6.16
CA GLN A 197 -8.83 20.69 6.85
C GLN A 197 -9.15 20.63 8.35
N ALA A 198 -10.39 20.28 8.65
CA ALA A 198 -10.83 20.18 10.04
C ALA A 198 -10.10 19.07 10.78
N GLY A 199 -9.86 17.95 10.08
CA GLY A 199 -9.17 16.83 10.71
C GLY A 199 -7.71 17.12 11.00
N ALA A 200 -7.05 17.76 10.06
CA ALA A 200 -5.64 18.11 10.24
C ALA A 200 -5.48 19.06 11.41
N ASP A 201 -6.37 20.05 11.50
CA ASP A 201 -6.33 21.03 12.58
C ASP A 201 -6.52 20.35 13.93
N GLU A 202 -7.45 19.40 13.98
CA GLU A 202 -7.73 18.68 15.22
C GLU A 202 -6.50 17.87 15.62
N PHE A 203 -5.75 17.42 14.61
CA PHE A 203 -4.54 16.64 14.83
C PHE A 203 -3.47 17.54 15.44
N LYS A 204 -3.41 18.77 14.93
CA LYS A 204 -2.45 19.77 15.38
C LYS A 204 -2.67 20.18 16.82
N ALA A 205 -3.92 20.46 17.16
CA ALA A 205 -4.27 20.90 18.51
C ALA A 205 -4.25 19.79 19.55
N LYS A 206 -4.53 18.57 19.13
CA LYS A 206 -4.57 17.45 20.07
C LYS A 206 -3.24 16.76 20.32
N PHE A 207 -2.41 16.61 19.29
CA PHE A 207 -1.15 15.92 19.46
C PHE A 207 0.09 16.73 19.08
N LEU A 208 -0.11 17.94 18.58
CA LEU A 208 1.04 18.76 18.18
C LEU A 208 1.21 20.02 19.03
N SER A 209 0.10 20.62 19.44
CA SER A 209 0.14 21.84 20.24
C SER A 209 0.29 21.51 21.73
N MET B 1 7.62 -5.85 -22.97
CA MET B 1 7.53 -5.30 -21.59
C MET B 1 8.80 -5.51 -20.77
N ASP B 2 9.59 -4.46 -20.64
CA ASP B 2 10.82 -4.54 -19.89
C ASP B 2 10.51 -4.62 -18.40
N PHE B 3 11.08 -5.63 -17.76
CA PHE B 3 10.88 -5.88 -16.35
C PHE B 3 12.17 -5.74 -15.57
N TYR B 4 12.37 -4.57 -14.95
CA TYR B 4 13.56 -4.32 -14.15
C TYR B 4 13.31 -4.98 -12.80
N TYR B 5 14.18 -5.91 -12.42
CA TYR B 5 13.98 -6.64 -11.18
C TYR B 5 15.23 -7.36 -10.67
N LEU B 6 15.00 -8.19 -9.65
CA LEU B 6 16.00 -9.05 -9.02
C LEU B 6 15.17 -10.19 -8.44
N PRO B 7 15.57 -11.45 -8.66
CA PRO B 7 14.78 -12.54 -8.10
C PRO B 7 14.60 -12.54 -6.58
N GLY B 8 15.56 -11.98 -5.85
CA GLY B 8 15.45 -11.95 -4.40
C GLY B 8 14.37 -11.05 -3.83
N SER B 9 13.89 -10.12 -4.66
CA SER B 9 12.87 -9.15 -4.27
C SER B 9 11.44 -9.73 -4.24
N ALA B 10 10.80 -9.72 -3.08
CA ALA B 10 9.43 -10.26 -2.99
C ALA B 10 8.47 -9.54 -3.96
N PRO B 11 8.45 -8.20 -3.93
CA PRO B 11 7.54 -7.53 -4.86
C PRO B 11 7.77 -7.89 -6.32
N CYS B 12 9.03 -8.08 -6.71
CA CYS B 12 9.31 -8.46 -8.10
C CYS B 12 8.73 -9.85 -8.37
N ARG B 13 8.93 -10.78 -7.44
CA ARG B 13 8.42 -12.13 -7.59
C ARG B 13 6.90 -12.14 -7.69
N ALA B 14 6.26 -11.22 -6.97
CA ALA B 14 4.80 -11.11 -7.03
C ALA B 14 4.39 -10.82 -8.47
N VAL B 15 5.13 -9.94 -9.14
CA VAL B 15 4.79 -9.61 -10.52
C VAL B 15 5.03 -10.79 -11.46
N GLN B 16 6.12 -11.53 -11.24
CA GLN B 16 6.44 -12.66 -12.10
C GLN B 16 5.34 -13.72 -12.05
N MET B 17 4.81 -13.99 -10.87
CA MET B 17 3.75 -14.99 -10.76
C MET B 17 2.48 -14.48 -11.43
N THR B 18 2.22 -13.19 -11.30
CA THR B 18 1.03 -12.61 -11.89
C THR B 18 1.11 -12.63 -13.43
N ALA B 19 2.31 -12.41 -13.97
CA ALA B 19 2.49 -12.43 -15.42
C ALA B 19 2.33 -13.87 -15.91
N ALA B 20 2.85 -14.82 -15.14
CA ALA B 20 2.71 -16.22 -15.49
C ALA B 20 1.23 -16.55 -15.53
N ALA B 21 0.48 -16.03 -14.57
CA ALA B 21 -0.95 -16.27 -14.46
C ALA B 21 -1.78 -15.66 -15.58
N VAL B 22 -1.31 -14.54 -16.13
CA VAL B 22 -2.03 -13.86 -17.20
C VAL B 22 -1.52 -14.26 -18.58
N GLY B 23 -0.44 -15.03 -18.62
CA GLY B 23 0.11 -15.46 -19.89
C GLY B 23 0.87 -14.38 -20.64
N VAL B 24 1.58 -13.55 -19.91
CA VAL B 24 2.35 -12.47 -20.52
C VAL B 24 3.82 -12.75 -20.26
N GLU B 25 4.65 -12.66 -21.30
CA GLU B 25 6.07 -12.90 -21.10
C GLU B 25 6.78 -11.59 -20.77
N LEU B 26 7.62 -11.62 -19.74
CA LEU B 26 8.35 -10.43 -19.32
C LEU B 26 9.78 -10.47 -19.85
N ASN B 27 10.26 -9.34 -20.36
CA ASN B 27 11.63 -9.22 -20.84
C ASN B 27 12.44 -8.89 -19.60
N LEU B 28 12.99 -9.92 -18.97
CA LEU B 28 13.75 -9.75 -17.74
C LEU B 28 15.00 -8.89 -17.82
N LYS B 29 15.09 -7.91 -16.93
CA LYS B 29 16.24 -7.02 -16.87
C LYS B 29 16.75 -6.93 -15.44
N LEU B 30 17.71 -7.79 -15.10
CA LEU B 30 18.26 -7.80 -13.76
C LEU B 30 18.83 -6.43 -13.42
N THR B 31 18.41 -5.89 -12.28
CA THR B 31 18.85 -4.58 -11.82
C THR B 31 19.44 -4.71 -10.42
N ASP B 32 20.75 -4.90 -10.35
CA ASP B 32 21.44 -5.08 -9.08
C ASP B 32 21.53 -3.80 -8.26
N LEU B 33 20.62 -3.67 -7.31
CA LEU B 33 20.57 -2.50 -6.45
C LEU B 33 21.90 -2.35 -5.72
N MET B 34 22.45 -3.49 -5.29
CA MET B 34 23.71 -3.50 -4.55
C MET B 34 24.87 -2.87 -5.29
N LYS B 35 24.68 -2.59 -6.58
CA LYS B 35 25.72 -1.96 -7.40
C LYS B 35 25.26 -0.58 -7.87
N GLY B 36 24.17 -0.09 -7.31
CA GLY B 36 23.66 1.22 -7.68
C GLY B 36 23.13 1.31 -9.10
N GLU B 37 22.85 0.16 -9.71
CA GLU B 37 22.34 0.16 -11.08
C GLU B 37 20.99 0.85 -11.18
N HIS B 38 20.22 0.85 -10.08
CA HIS B 38 18.91 1.50 -10.09
C HIS B 38 19.06 3.02 -10.05
N MET B 39 20.25 3.48 -9.67
CA MET B 39 20.54 4.90 -9.60
C MET B 39 21.16 5.41 -10.88
N LYS B 40 21.27 4.52 -11.87
CA LYS B 40 21.86 4.88 -13.16
C LYS B 40 20.96 5.90 -13.85
N PRO B 41 21.57 6.95 -14.43
CA PRO B 41 20.85 8.02 -15.14
C PRO B 41 19.69 7.56 -16.01
N GLU B 42 19.91 6.54 -16.85
CA GLU B 42 18.85 6.07 -17.74
C GLU B 42 17.64 5.48 -17.02
N PHE B 43 17.89 4.73 -15.95
CA PHE B 43 16.80 4.13 -15.20
C PHE B 43 16.01 5.23 -14.50
N LEU B 44 16.76 6.15 -13.91
CA LEU B 44 16.21 7.29 -13.18
C LEU B 44 15.20 8.04 -14.04
N LYS B 45 15.49 8.17 -15.33
CA LYS B 45 14.60 8.87 -16.25
C LYS B 45 13.31 8.08 -16.46
N LEU B 46 13.37 6.76 -16.27
CA LEU B 46 12.19 5.93 -16.45
C LEU B 46 11.38 5.87 -15.15
N ASN B 47 12.08 5.89 -14.03
CA ASN B 47 11.47 5.83 -12.71
C ASN B 47 12.29 6.66 -11.72
N PRO B 48 11.92 7.93 -11.55
CA PRO B 48 12.65 8.79 -10.62
C PRO B 48 12.68 8.29 -9.17
N GLN B 49 11.80 7.36 -8.82
CA GLN B 49 11.79 6.82 -7.46
C GLN B 49 12.83 5.71 -7.33
N HIS B 50 13.55 5.47 -8.42
CA HIS B 50 14.62 4.46 -8.49
C HIS B 50 14.35 3.19 -7.68
N CYS B 51 13.28 2.47 -8.03
CA CYS B 51 12.94 1.25 -7.31
C CYS B 51 12.46 0.12 -8.23
N ILE B 52 12.58 -1.11 -7.73
CA ILE B 52 12.11 -2.26 -8.49
C ILE B 52 11.02 -2.96 -7.66
N PRO B 53 10.08 -3.64 -8.33
CA PRO B 53 10.00 -3.79 -9.77
C PRO B 53 9.52 -2.56 -10.53
N THR B 54 9.99 -2.41 -11.76
CA THR B 54 9.56 -1.33 -12.65
C THR B 54 9.32 -2.00 -13.99
N LEU B 55 8.11 -1.85 -14.51
CA LEU B 55 7.74 -2.44 -15.78
C LEU B 55 7.59 -1.32 -16.81
N VAL B 56 7.92 -1.62 -18.06
CA VAL B 56 7.77 -0.66 -19.14
C VAL B 56 7.11 -1.42 -20.28
N ASP B 57 5.80 -1.22 -20.37
CA ASP B 57 4.95 -1.87 -21.37
C ASP B 57 4.81 -0.99 -22.60
N ASN B 58 5.64 -1.21 -23.60
CA ASN B 58 5.57 -0.41 -24.82
C ASN B 58 5.61 1.09 -24.50
N GLY B 59 6.66 1.51 -23.79
CA GLY B 59 6.80 2.92 -23.46
C GLY B 59 6.15 3.42 -22.18
N PHE B 60 5.16 2.68 -21.66
CA PHE B 60 4.49 3.09 -20.43
C PHE B 60 5.25 2.54 -19.22
N ALA B 61 5.86 3.45 -18.45
CA ALA B 61 6.61 3.09 -17.26
C ALA B 61 5.69 3.00 -16.04
N LEU B 62 5.82 1.91 -15.28
CA LEU B 62 4.98 1.71 -14.10
C LEU B 62 5.68 0.94 -12.97
N TRP B 63 5.58 1.45 -11.74
CA TRP B 63 6.17 0.74 -10.61
C TRP B 63 5.15 0.54 -9.47
N GLU B 64 5.62 0.00 -8.36
CA GLU B 64 4.78 -0.39 -7.22
C GLU B 64 4.22 -1.71 -7.75
N SER B 65 4.79 -2.80 -7.24
CA SER B 65 4.43 -4.15 -7.66
C SER B 65 2.95 -4.45 -7.75
N ARG B 66 2.20 -4.08 -6.71
CA ARG B 66 0.78 -4.36 -6.67
C ARG B 66 -0.02 -3.56 -7.70
N ALA B 67 0.50 -2.42 -8.10
CA ALA B 67 -0.17 -1.62 -9.13
C ALA B 67 0.10 -2.36 -10.44
N ILE B 68 1.31 -2.90 -10.56
CA ILE B 68 1.69 -3.65 -11.76
C ILE B 68 0.82 -4.89 -11.85
N GLN B 69 0.62 -5.58 -10.72
CA GLN B 69 -0.19 -6.79 -10.71
C GLN B 69 -1.59 -6.50 -11.22
N ILE B 70 -2.21 -5.47 -10.66
CA ILE B 70 -3.56 -5.10 -11.09
C ILE B 70 -3.55 -4.74 -12.58
N TYR B 71 -2.57 -3.95 -13.00
CA TYR B 71 -2.46 -3.56 -14.40
C TYR B 71 -2.42 -4.79 -15.33
N LEU B 72 -1.61 -5.77 -14.96
CA LEU B 72 -1.50 -6.99 -15.76
C LEU B 72 -2.81 -7.80 -15.79
N ALA B 73 -3.45 -7.94 -14.64
CA ALA B 73 -4.71 -8.69 -14.56
C ALA B 73 -5.82 -8.08 -15.40
N GLU B 74 -6.02 -6.77 -15.27
CA GLU B 74 -7.08 -6.08 -16.00
C GLU B 74 -6.79 -5.96 -17.48
N LYS B 75 -5.56 -5.62 -17.82
CA LYS B 75 -5.20 -5.45 -19.22
C LYS B 75 -5.03 -6.73 -20.00
N TYR B 76 -4.37 -7.72 -19.40
CA TYR B 76 -4.15 -8.96 -20.14
C TYR B 76 -4.87 -10.18 -19.60
N GLY B 77 -5.44 -10.06 -18.40
CA GLY B 77 -6.13 -11.17 -17.80
C GLY B 77 -7.44 -11.57 -18.47
N LYS B 78 -7.69 -12.86 -18.53
CA LYS B 78 -8.91 -13.38 -19.12
C LYS B 78 -9.77 -13.99 -18.02
N ASP B 79 -11.08 -13.76 -18.11
CA ASP B 79 -12.02 -14.28 -17.13
C ASP B 79 -11.73 -13.74 -15.73
N ASP B 80 -11.04 -12.60 -15.66
CA ASP B 80 -10.69 -11.95 -14.41
C ASP B 80 -10.45 -12.97 -13.30
N LYS B 81 -9.99 -14.15 -13.70
CA LYS B 81 -9.72 -15.26 -12.81
C LYS B 81 -8.89 -14.91 -11.58
N LEU B 82 -8.20 -13.77 -11.62
CA LEU B 82 -7.34 -13.37 -10.52
C LEU B 82 -7.70 -12.06 -9.87
N TYR B 83 -8.69 -11.36 -10.41
CA TYR B 83 -9.07 -10.06 -9.89
C TYR B 83 -10.51 -9.74 -10.26
N PRO B 84 -11.48 -10.32 -9.53
CA PRO B 84 -12.91 -10.11 -9.79
C PRO B 84 -13.33 -8.65 -9.93
N LYS B 85 -14.26 -8.42 -10.86
CA LYS B 85 -14.78 -7.08 -11.12
C LYS B 85 -15.82 -6.67 -10.08
N ASP B 86 -16.50 -7.63 -9.50
CA ASP B 86 -17.51 -7.33 -8.48
C ASP B 86 -16.86 -6.44 -7.43
N PRO B 87 -17.39 -5.22 -7.23
CA PRO B 87 -16.89 -4.24 -6.26
C PRO B 87 -16.56 -4.81 -4.88
N GLN B 88 -17.47 -5.57 -4.30
CA GLN B 88 -17.24 -6.13 -2.97
C GLN B 88 -16.11 -7.15 -2.97
N LYS B 89 -16.16 -8.11 -3.88
CA LYS B 89 -15.12 -9.12 -3.96
C LYS B 89 -13.76 -8.48 -4.28
N ARG B 90 -13.78 -7.44 -5.10
CA ARG B 90 -12.54 -6.75 -5.46
C ARG B 90 -11.98 -5.99 -4.27
N ALA B 91 -12.87 -5.44 -3.46
CA ALA B 91 -12.46 -4.68 -2.28
C ALA B 91 -11.65 -5.56 -1.34
N VAL B 92 -12.10 -6.79 -1.14
CA VAL B 92 -11.37 -7.71 -0.26
C VAL B 92 -9.98 -7.96 -0.83
N VAL B 93 -9.88 -8.21 -2.13
CA VAL B 93 -8.57 -8.45 -2.73
C VAL B 93 -7.68 -7.22 -2.52
N ASN B 94 -8.23 -6.04 -2.81
CA ASN B 94 -7.46 -4.82 -2.65
C ASN B 94 -7.00 -4.62 -1.22
N GLN B 95 -7.89 -4.86 -0.26
CA GLN B 95 -7.53 -4.69 1.15
C GLN B 95 -6.42 -5.67 1.51
N ARG B 96 -6.45 -6.84 0.86
CA ARG B 96 -5.47 -7.88 1.10
C ARG B 96 -4.12 -7.45 0.53
N LEU B 97 -4.17 -6.75 -0.60
CA LEU B 97 -2.97 -6.25 -1.26
C LEU B 97 -2.34 -5.17 -0.40
N TYR B 98 -3.16 -4.24 0.11
CA TYR B 98 -2.65 -3.19 0.97
C TYR B 98 -2.11 -3.77 2.28
N PHE B 99 -2.77 -4.81 2.77
CA PHE B 99 -2.32 -5.46 4.00
C PHE B 99 -0.92 -6.03 3.74
N ASP B 100 -0.76 -6.68 2.59
CA ASP B 100 0.53 -7.27 2.25
C ASP B 100 1.64 -6.24 2.29
N MET B 101 1.39 -5.08 1.69
CA MET B 101 2.41 -4.05 1.66
C MET B 101 2.64 -3.35 2.99
N GLY B 102 1.56 -2.82 3.57
CA GLY B 102 1.68 -2.08 4.81
C GLY B 102 1.83 -2.87 6.08
N THR B 103 1.53 -4.16 6.06
CA THR B 103 1.63 -4.91 7.31
C THR B 103 2.56 -6.12 7.26
N LEU B 104 2.21 -7.10 6.45
CA LEU B 104 3.00 -8.32 6.34
C LEU B 104 4.42 -8.09 5.82
N TYR B 105 4.57 -7.48 4.66
CA TYR B 105 5.91 -7.26 4.14
C TYR B 105 6.64 -6.15 4.89
N GLN B 106 5.91 -5.07 5.18
CA GLN B 106 6.47 -3.93 5.90
C GLN B 106 7.12 -4.32 7.22
N ARG B 107 6.46 -5.17 8.00
CA ARG B 107 7.02 -5.57 9.29
C ARG B 107 8.16 -6.56 9.10
N PHE B 108 8.11 -7.28 7.98
CA PHE B 108 9.19 -8.22 7.66
C PHE B 108 10.44 -7.37 7.46
N ALA B 109 10.34 -6.37 6.60
CA ALA B 109 11.46 -5.48 6.31
C ALA B 109 11.94 -4.74 7.55
N ASP B 110 10.98 -4.25 8.34
CA ASP B 110 11.30 -3.52 9.56
C ASP B 110 12.21 -4.33 10.47
N TYR B 111 11.92 -5.62 10.58
CA TYR B 111 12.69 -6.51 11.42
C TYR B 111 14.00 -7.00 10.80
N HIS B 112 13.95 -7.35 9.52
CA HIS B 112 15.13 -7.89 8.82
C HIS B 112 16.09 -6.91 8.14
N TYR B 113 15.57 -5.87 7.51
CA TYR B 113 16.44 -4.92 6.82
C TYR B 113 17.59 -4.38 7.65
N PRO B 114 17.32 -3.91 8.88
CA PRO B 114 18.41 -3.39 9.71
C PRO B 114 19.47 -4.45 9.99
N GLN B 115 19.03 -5.69 10.13
CA GLN B 115 19.94 -6.80 10.39
C GLN B 115 20.72 -7.18 9.13
N ILE B 116 20.05 -7.14 7.98
CA ILE B 116 20.66 -7.50 6.71
C ILE B 116 21.55 -6.42 6.11
N PHE B 117 21.05 -5.19 6.06
CA PHE B 117 21.83 -4.11 5.46
C PHE B 117 22.55 -3.18 6.44
N ALA B 118 22.30 -3.36 7.73
CA ALA B 118 22.95 -2.55 8.76
C ALA B 118 23.51 -3.49 9.81
N LYS B 119 23.38 -4.79 9.55
CA LYS B 119 23.86 -5.83 10.45
C LYS B 119 23.66 -5.45 11.91
N GLN B 120 22.56 -4.76 12.19
CA GLN B 120 22.25 -4.36 13.56
C GLN B 120 21.62 -5.52 14.30
N PRO B 121 21.64 -5.47 15.64
CA PRO B 121 21.05 -6.56 16.42
C PRO B 121 19.55 -6.67 16.16
N ALA B 122 19.02 -7.88 16.29
CA ALA B 122 17.60 -8.13 16.07
C ALA B 122 16.73 -7.50 17.16
N ASN B 123 15.75 -6.72 16.73
CA ASN B 123 14.84 -6.04 17.65
C ASN B 123 13.71 -7.02 17.98
N PRO B 124 13.70 -7.58 19.20
CA PRO B 124 12.66 -8.53 19.60
C PRO B 124 11.27 -7.92 19.52
N GLU B 125 11.17 -6.62 19.75
CA GLU B 125 9.88 -5.94 19.69
C GLU B 125 9.34 -6.02 18.26
N ASN B 126 10.20 -5.76 17.29
CA ASN B 126 9.76 -5.81 15.90
C ASN B 126 9.51 -7.23 15.43
N GLU B 127 10.14 -8.21 16.07
CA GLU B 127 9.90 -9.60 15.67
C GLU B 127 8.47 -9.94 16.10
N LYS B 128 8.06 -9.42 17.24
CA LYS B 128 6.72 -9.66 17.75
C LYS B 128 5.68 -9.06 16.82
N LYS B 129 5.93 -7.85 16.34
CA LYS B 129 5.00 -7.19 15.44
C LYS B 129 4.94 -8.02 14.16
N MET B 130 6.08 -8.53 13.73
CA MET B 130 6.12 -9.34 12.52
C MET B 130 5.26 -10.58 12.71
N LYS B 131 5.36 -11.19 13.90
CA LYS B 131 4.58 -12.38 14.21
C LYS B 131 3.08 -12.10 14.19
N ASP B 132 2.67 -10.97 14.75
CA ASP B 132 1.26 -10.62 14.77
C ASP B 132 0.73 -10.43 13.33
N ALA B 133 1.59 -9.95 12.44
CA ALA B 133 1.18 -9.76 11.06
C ALA B 133 0.75 -11.12 10.49
N VAL B 134 1.58 -12.14 10.70
CA VAL B 134 1.25 -13.49 10.23
C VAL B 134 -0.04 -13.93 10.92
N GLY B 135 -0.20 -13.49 12.16
CA GLY B 135 -1.39 -13.83 12.92
C GLY B 135 -2.63 -13.22 12.31
N PHE B 136 -2.51 -11.99 11.81
CA PHE B 136 -3.65 -11.35 11.16
C PHE B 136 -4.03 -12.12 9.92
N LEU B 137 -3.02 -12.58 9.18
CA LEU B 137 -3.25 -13.34 7.96
C LEU B 137 -3.88 -14.68 8.30
N ASN B 138 -3.46 -15.25 9.44
CA ASN B 138 -3.99 -16.53 9.85
C ASN B 138 -5.48 -16.38 10.15
N THR B 139 -5.85 -15.24 10.74
CA THR B 139 -7.24 -14.98 11.04
C THR B 139 -8.02 -14.75 9.74
N PHE B 140 -7.49 -13.92 8.85
CA PHE B 140 -8.17 -13.65 7.58
C PHE B 140 -8.52 -14.94 6.87
N LEU B 141 -7.64 -15.93 6.97
CA LEU B 141 -7.82 -17.22 6.31
C LEU B 141 -8.80 -18.17 6.99
N GLU B 142 -9.21 -17.84 8.21
CA GLU B 142 -10.15 -18.68 8.96
C GLU B 142 -11.26 -19.22 8.05
N GLY B 143 -11.27 -20.53 7.84
CA GLY B 143 -12.28 -21.16 7.01
C GLY B 143 -12.34 -20.72 5.56
N GLN B 144 -11.25 -20.13 5.07
CA GLN B 144 -11.19 -19.64 3.70
C GLN B 144 -10.19 -20.47 2.92
N GLU B 145 -10.44 -20.64 1.63
CA GLU B 145 -9.54 -21.42 0.79
C GLU B 145 -8.34 -20.53 0.45
N TYR B 146 -8.62 -19.27 0.13
CA TYR B 146 -7.57 -18.31 -0.19
C TYR B 146 -7.75 -17.00 0.57
N ALA B 147 -6.76 -16.12 0.46
CA ALA B 147 -6.75 -14.84 1.16
C ALA B 147 -8.03 -14.01 1.06
N ALA B 148 -8.63 -13.95 -0.11
CA ALA B 148 -9.84 -13.16 -0.30
C ALA B 148 -11.05 -13.97 -0.75
N GLY B 149 -11.03 -15.27 -0.52
CA GLY B 149 -12.16 -16.08 -0.94
C GLY B 149 -11.83 -17.52 -1.29
N ASN B 150 -12.57 -18.08 -2.25
CA ASN B 150 -12.37 -19.45 -2.68
C ASN B 150 -11.44 -19.56 -3.89
N ASP B 151 -11.24 -18.45 -4.58
CA ASP B 151 -10.38 -18.45 -5.76
C ASP B 151 -9.05 -17.76 -5.52
N LEU B 152 -7.99 -18.30 -6.12
CA LEU B 152 -6.68 -17.72 -5.98
C LEU B 152 -6.71 -16.41 -6.76
N THR B 153 -6.26 -15.33 -6.12
CA THR B 153 -6.26 -14.01 -6.75
C THR B 153 -4.85 -13.42 -6.68
N ILE B 154 -4.66 -12.25 -7.28
CA ILE B 154 -3.34 -11.63 -7.26
C ILE B 154 -2.96 -11.31 -5.82
N ALA B 155 -3.95 -11.30 -4.93
CA ALA B 155 -3.67 -11.04 -3.52
C ALA B 155 -2.84 -12.20 -2.99
N ASP B 156 -3.23 -13.42 -3.36
CA ASP B 156 -2.52 -14.61 -2.92
C ASP B 156 -1.12 -14.62 -3.50
N LEU B 157 -0.97 -14.16 -4.74
CA LEU B 157 0.33 -14.12 -5.37
C LEU B 157 1.24 -13.13 -4.64
N SER B 158 0.69 -11.99 -4.25
CA SER B 158 1.50 -11.02 -3.53
C SER B 158 1.88 -11.57 -2.16
N LEU B 159 0.88 -12.05 -1.42
CA LEU B 159 1.10 -12.62 -0.09
C LEU B 159 2.05 -13.81 -0.11
N ALA B 160 1.99 -14.60 -1.17
CA ALA B 160 2.84 -15.78 -1.29
C ALA B 160 4.29 -15.39 -1.56
N ALA B 161 4.49 -14.26 -2.23
CA ALA B 161 5.85 -13.80 -2.52
C ALA B 161 6.47 -13.30 -1.22
N THR B 162 5.64 -12.68 -0.40
CA THR B 162 6.07 -12.14 0.88
C THR B 162 6.36 -13.29 1.85
N ILE B 163 5.41 -14.23 1.94
CA ILE B 163 5.52 -15.39 2.83
C ILE B 163 6.68 -16.33 2.45
N ALA B 164 6.94 -16.46 1.16
CA ALA B 164 8.04 -17.31 0.74
C ALA B 164 9.32 -16.71 1.28
N THR B 165 9.34 -15.39 1.42
CA THR B 165 10.53 -14.74 1.96
C THR B 165 10.60 -15.02 3.46
N TYR B 166 9.45 -14.96 4.13
CA TYR B 166 9.39 -15.25 5.57
C TYR B 166 9.97 -16.65 5.81
N GLU B 167 9.52 -17.59 4.99
CA GLU B 167 9.96 -18.99 5.10
C GLU B 167 11.47 -19.16 5.02
N VAL B 168 12.09 -18.68 3.93
CA VAL B 168 13.53 -18.83 3.80
C VAL B 168 14.25 -18.08 4.93
N ALA B 169 13.54 -17.16 5.56
CA ALA B 169 14.11 -16.40 6.66
C ALA B 169 14.05 -17.23 7.95
N GLY B 170 13.38 -18.37 7.88
CA GLY B 170 13.28 -19.25 9.04
C GLY B 170 12.07 -19.03 9.93
N PHE B 171 11.12 -18.21 9.50
CA PHE B 171 9.94 -17.96 10.31
C PHE B 171 9.24 -19.29 10.62
N ASP B 172 8.68 -19.41 11.82
CA ASP B 172 7.99 -20.63 12.23
C ASP B 172 6.46 -20.50 12.09
N PHE B 173 5.90 -21.22 11.12
CA PHE B 173 4.46 -21.18 10.85
C PHE B 173 3.64 -22.19 11.64
N ALA B 174 4.29 -22.95 12.50
CA ALA B 174 3.61 -23.96 13.29
C ALA B 174 2.38 -23.40 14.03
N PRO B 175 2.54 -22.25 14.70
CA PRO B 175 1.42 -21.65 15.43
C PRO B 175 0.32 -21.03 14.56
N TYR B 176 0.52 -21.08 13.25
CA TYR B 176 -0.44 -20.50 12.32
C TYR B 176 -0.91 -21.54 11.30
N PRO B 177 -1.74 -22.50 11.74
CA PRO B 177 -2.25 -23.56 10.87
C PRO B 177 -2.92 -23.11 9.56
N ASN B 178 -3.70 -22.02 9.61
CA ASN B 178 -4.36 -21.55 8.40
C ASN B 178 -3.34 -21.06 7.37
N VAL B 179 -2.30 -20.37 7.83
CA VAL B 179 -1.27 -19.86 6.94
C VAL B 179 -0.50 -21.01 6.31
N ALA B 180 -0.09 -21.97 7.13
CA ALA B 180 0.65 -23.13 6.66
C ALA B 180 -0.12 -23.84 5.55
N ALA B 181 -1.42 -24.06 5.78
CA ALA B 181 -2.26 -24.73 4.79
C ALA B 181 -2.37 -23.89 3.52
N TRP B 182 -2.80 -22.64 3.68
CA TRP B 182 -2.92 -21.71 2.56
C TRP B 182 -1.63 -21.71 1.76
N PHE B 183 -0.53 -21.41 2.43
CA PHE B 183 0.79 -21.37 1.80
C PHE B 183 1.06 -22.64 1.00
N ALA B 184 0.68 -23.79 1.55
CA ALA B 184 0.89 -25.05 0.85
C ALA B 184 0.11 -25.01 -0.45
N ARG B 185 -1.16 -24.59 -0.37
CA ARG B 185 -2.00 -24.52 -1.55
C ARG B 185 -1.43 -23.57 -2.60
N CYS B 186 -0.67 -22.57 -2.14
CA CYS B 186 -0.07 -21.61 -3.06
C CYS B 186 1.14 -22.20 -3.78
N LYS B 187 1.95 -22.97 -3.09
CA LYS B 187 3.11 -23.60 -3.71
C LYS B 187 2.64 -24.57 -4.80
N ALA B 188 1.45 -25.11 -4.63
CA ALA B 188 0.92 -26.09 -5.57
C ALA B 188 0.02 -25.54 -6.67
N ASN B 189 -0.54 -24.35 -6.48
CA ASN B 189 -1.44 -23.80 -7.48
C ASN B 189 -1.10 -22.44 -8.08
N ALA B 190 -0.18 -21.72 -7.47
CA ALA B 190 0.18 -20.40 -7.98
C ALA B 190 1.01 -20.47 -9.25
N PRO B 191 0.52 -19.86 -10.34
CA PRO B 191 1.27 -19.87 -11.59
C PRO B 191 2.64 -19.24 -11.37
N GLY B 192 3.67 -19.87 -11.94
CA GLY B 192 5.02 -19.36 -11.82
C GLY B 192 5.63 -19.46 -10.43
N TYR B 193 5.09 -20.33 -9.57
CA TYR B 193 5.66 -20.41 -8.23
C TYR B 193 7.15 -20.74 -8.25
N ALA B 194 7.57 -21.56 -9.22
CA ALA B 194 8.97 -21.93 -9.32
C ALA B 194 9.87 -20.71 -9.35
N LEU B 195 9.40 -19.61 -9.94
CA LEU B 195 10.19 -18.39 -10.01
C LEU B 195 10.24 -17.76 -8.62
N ASN B 196 9.16 -17.93 -7.88
CA ASN B 196 9.07 -17.39 -6.52
C ASN B 196 9.97 -18.21 -5.60
N GLN B 197 10.01 -19.51 -5.79
CA GLN B 197 10.84 -20.37 -4.95
C GLN B 197 12.31 -20.07 -5.19
N ALA B 198 12.69 -19.98 -6.46
CA ALA B 198 14.07 -19.72 -6.85
C ALA B 198 14.55 -18.35 -6.36
N GLY B 199 13.72 -17.33 -6.55
CA GLY B 199 14.11 -16.00 -6.12
C GLY B 199 14.27 -15.96 -4.60
N ALA B 200 13.37 -16.61 -3.89
CA ALA B 200 13.43 -16.66 -2.43
C ALA B 200 14.71 -17.36 -1.99
N ASP B 201 15.06 -18.44 -2.67
CA ASP B 201 16.27 -19.19 -2.34
C ASP B 201 17.47 -18.28 -2.58
N GLU B 202 17.38 -17.45 -3.62
CA GLU B 202 18.45 -16.53 -3.94
C GLU B 202 18.57 -15.51 -2.82
N PHE B 203 17.44 -15.00 -2.36
CA PHE B 203 17.42 -14.01 -1.28
C PHE B 203 18.34 -14.43 -0.13
N LYS B 204 18.40 -15.72 0.17
CA LYS B 204 19.26 -16.18 1.25
C LYS B 204 20.69 -15.65 1.10
N ALA B 205 21.01 -15.13 -0.09
CA ALA B 205 22.32 -14.54 -0.36
C ALA B 205 22.40 -13.25 0.46
N LYS B 206 21.33 -12.97 1.18
CA LYS B 206 21.23 -11.81 2.05
C LYS B 206 21.07 -12.34 3.47
N PHE B 207 20.85 -13.66 3.57
CA PHE B 207 20.69 -14.33 4.86
C PHE B 207 21.85 -15.26 5.17
N LEU B 208 22.86 -15.26 4.29
CA LEU B 208 24.02 -16.12 4.46
C LEU B 208 25.30 -15.30 4.38
N SER B 209 25.57 -14.78 3.18
CA SER B 209 26.75 -13.96 2.94
C SER B 209 26.37 -12.55 2.51
N1 GTX C . -2.84 1.40 5.77
CA1 GTX C . -3.96 1.75 6.68
C1 GTX C . -5.01 2.60 5.95
O11 GTX C . -6.15 2.65 6.43
O12 GTX C . -4.65 3.19 4.91
CB1 GTX C . -3.43 2.49 7.91
CG1 GTX C . -4.51 2.86 8.90
CD1 GTX C . -3.94 3.32 10.23
OE1 GTX C . -2.74 3.54 10.36
N2 GTX C . -4.82 3.46 11.22
CA2 GTX C . -4.39 3.88 12.55
C2 GTX C . -4.95 2.92 13.58
O2 GTX C . -6.14 2.57 13.56
CB2 GTX C . -4.88 5.29 12.83
SG2 GTX C . -4.25 6.50 11.64
C1S GTX C . -2.82 7.13 12.53
C2S GTX C . -3.03 8.52 13.09
C3S GTX C . -4.04 8.57 14.22
C4S GTX C . -4.07 9.96 14.85
C5S GTX C . -5.05 10.05 16.01
C6S GTX C . -4.57 9.24 17.20
N3 GTX C . -4.09 2.52 14.51
CA3 GTX C . -4.40 1.60 15.61
C3 GTX C . -4.16 0.14 15.27
O31 GTX C . -4.22 -0.70 16.19
O32 GTX C . -3.91 -0.18 14.09
N1 GTX D . 5.95 -0.86 -2.39
CA1 GTX D . 6.99 -1.14 -3.44
C1 GTX D . 6.49 -2.24 -4.38
O11 GTX D . 5.58 -2.98 -3.98
O12 GTX D . 7.01 -2.32 -5.51
CB1 GTX D . 8.29 -1.58 -2.78
CG1 GTX D . 9.43 -1.83 -3.77
CD1 GTX D . 10.77 -1.99 -3.08
OE1 GTX D . 10.85 -1.99 -1.85
N2 GTX D . 11.83 -2.11 -3.88
CA2 GTX D . 13.18 -2.23 -3.35
C2 GTX D . 14.09 -1.18 -4.00
O2 GTX D . 14.03 -0.96 -5.21
CB2 GTX D . 13.74 -3.63 -3.64
SG2 GTX D . 12.83 -4.95 -2.82
C1S GTX D . 13.75 -5.05 -1.28
C2S GTX D . 14.60 -6.30 -1.15
C3S GTX D . 15.74 -6.33 -2.15
C4S GTX D . 16.76 -7.39 -1.78
C5S GTX D . 17.79 -7.60 -2.89
C6S GTX D . 18.64 -6.36 -3.12
N3 GTX D . 14.93 -0.54 -3.19
CA3 GTX D . 15.87 0.49 -3.61
C3 GTX D . 15.25 1.88 -3.67
O31 GTX D . 16.00 2.84 -3.98
O32 GTX D . 14.04 2.01 -3.40
#